data_6BWL
#
_entry.id   6BWL
#
_cell.length_a   96.420
_cell.length_b   98.341
_cell.length_c   98.603
_cell.angle_alpha   90.00
_cell.angle_beta   90.00
_cell.angle_gamma   90.00
#
_symmetry.space_group_name_H-M   'C 2 2 21'
#
loop_
_entity.id
_entity.type
_entity.pdbx_description
1 polymer Pal
2 non-polymer NICOTINAMIDE-ADENINE-DINUCLEOTIDE
3 non-polymer "URIDINE-5'-DIPHOSPHATE"
4 non-polymer 1,2-ETHANEDIOL
5 non-polymer 'CHLORIDE ION'
6 non-polymer 'SODIUM ION'
7 water water
#
_entity_poly.entity_id   1
_entity_poly.type   'polypeptide(L)'
_entity_poly.pdbx_seq_one_letter_code
;MKILVTGGAGFIGRWVVKRLLQDKHEVWILDNLANSTTANITEFAHDLNLKQCIQGDIKDKKLVAQLFENNSFDLCYHLA
ASINVQDSIDDARATFENDTIGTFNLLEQCLNYDVKMVFMSTCMVYDKATNIQGISELDPIKPASPYAGSKIAAENMVLS
YYYAYKLPVVVIRPFNTYGPFQKTGGEGGVVAIFINNKLDNVPLNIYGDGKQTRDLLYVEDCADFVVAAGYSAKANGHII
NAGTGQDISINKLAELISGNKVSIQHVTHIHPQSEIQKLLCNYEKAKTILNWEPKVSLEDGVIKTEEWIKSLKINPKEKE
LEHHHHHH
;
_entity_poly.pdbx_strand_id   A
#
loop_
_chem_comp.id
_chem_comp.type
_chem_comp.name
_chem_comp.formula
CL non-polymer 'CHLORIDE ION' 'Cl -1'
EDO non-polymer 1,2-ETHANEDIOL 'C2 H6 O2'
NA non-polymer 'SODIUM ION' 'Na 1'
NAD non-polymer NICOTINAMIDE-ADENINE-DINUCLEOTIDE 'C21 H27 N7 O14 P2'
UDP RNA linking URIDINE-5'-DIPHOSPHATE 'C9 H14 N2 O12 P2'
#
# COMPACT_ATOMS: atom_id res chain seq x y z
N MET A 1 3.28 17.41 -14.57
CA MET A 1 3.51 17.86 -13.18
C MET A 1 4.81 17.25 -12.72
N LYS A 2 5.37 17.81 -11.66
CA LYS A 2 6.60 17.31 -11.04
C LYS A 2 6.16 16.58 -9.76
N ILE A 3 6.47 15.30 -9.72
CA ILE A 3 5.87 14.41 -8.70
C ILE A 3 6.98 13.63 -8.02
N LEU A 4 6.90 13.59 -6.69
CA LEU A 4 7.75 12.73 -5.86
C LEU A 4 6.97 11.51 -5.42
N VAL A 5 7.48 10.31 -5.69
CA VAL A 5 6.88 9.09 -5.20
C VAL A 5 7.83 8.48 -4.19
N THR A 6 7.54 8.61 -2.90
CA THR A 6 8.35 7.90 -1.93
C THR A 6 7.95 6.45 -1.97
N GLY A 7 8.88 5.53 -1.80
CA GLY A 7 8.58 4.12 -1.91
C GLY A 7 8.27 3.67 -3.32
N GLY A 8 8.66 4.47 -4.33
CA GLY A 8 8.33 4.17 -5.70
C GLY A 8 9.01 3.00 -6.34
N ALA A 9 10.03 2.42 -5.68
CA ALA A 9 10.60 1.17 -6.19
C ALA A 9 9.95 -0.06 -5.58
N GLY A 10 8.97 0.16 -4.71
CA GLY A 10 8.27 -0.98 -4.10
C GLY A 10 7.17 -1.55 -4.97
N PHE A 11 6.43 -2.46 -4.35
CA PHE A 11 5.38 -3.22 -5.03
C PHE A 11 4.28 -2.34 -5.60
N ILE A 12 3.57 -1.64 -4.72
CA ILE A 12 2.52 -0.75 -5.20
C ILE A 12 3.13 0.46 -5.88
N GLY A 13 4.23 0.95 -5.32
CA GLY A 13 4.94 2.12 -5.83
C GLY A 13 5.34 2.05 -7.27
N ARG A 14 5.86 0.88 -7.69
CA ARG A 14 6.30 0.78 -9.07
C ARG A 14 5.15 0.90 -10.03
N TRP A 15 3.95 0.44 -9.62
CA TRP A 15 2.74 0.55 -10.44
C TRP A 15 2.18 1.98 -10.47
N VAL A 16 2.31 2.69 -9.36
CA VAL A 16 2.00 4.12 -9.31
C VAL A 16 2.91 4.86 -10.27
N VAL A 17 4.22 4.58 -10.18
CA VAL A 17 5.19 5.20 -11.09
C VAL A 17 4.81 4.89 -12.52
N LYS A 18 4.48 3.64 -12.86
CA LYS A 18 4.15 3.30 -14.24
C LYS A 18 3.02 4.19 -14.76
N ARG A 19 1.96 4.33 -13.97
CA ARG A 19 0.80 5.11 -14.37
C ARG A 19 1.15 6.57 -14.54
N LEU A 20 1.92 7.13 -13.62
CA LEU A 20 2.33 8.55 -13.69
C LEU A 20 3.19 8.83 -14.93
N LEU A 21 4.07 7.88 -15.25
CA LEU A 21 4.88 7.98 -16.48
C LEU A 21 4.02 7.85 -17.73
N GLN A 22 3.03 6.97 -17.73
CA GLN A 22 2.09 6.89 -18.86
C GLN A 22 1.37 8.21 -19.07
N ASP A 23 1.12 8.91 -17.97
CA ASP A 23 0.43 10.18 -18.02
C ASP A 23 1.38 11.35 -18.22
N LYS A 24 2.67 11.06 -18.48
CA LYS A 24 3.69 12.00 -18.94
C LYS A 24 4.11 13.03 -17.90
N HIS A 25 3.96 12.67 -16.62
CA HIS A 25 4.51 13.48 -15.55
C HIS A 25 5.99 13.22 -15.34
N GLU A 26 6.68 14.21 -14.79
CA GLU A 26 8.08 14.07 -14.40
C GLU A 26 8.07 13.50 -13.00
N VAL A 27 8.71 12.34 -12.83
CA VAL A 27 8.64 11.59 -11.58
C VAL A 27 10.05 11.46 -10.98
N TRP A 28 10.12 11.68 -9.69
CA TRP A 28 11.30 11.41 -8.87
C TRP A 28 10.88 10.32 -7.89
N ILE A 29 11.72 9.29 -7.73
CA ILE A 29 11.51 8.27 -6.71
C ILE A 29 12.46 8.47 -5.57
N LEU A 30 11.96 8.34 -4.34
CA LEU A 30 12.81 8.30 -3.17
C LEU A 30 12.57 6.95 -2.48
N ASP A 31 13.57 6.08 -2.41
CA ASP A 31 13.38 4.74 -1.89
C ASP A 31 14.72 4.24 -1.35
N ASN A 32 14.74 3.72 -0.14
CA ASN A 32 16.01 3.27 0.46
C ASN A 32 16.27 1.81 0.07
N LEU A 33 15.38 1.18 -0.70
CA LEU A 33 15.52 -0.20 -1.13
C LEU A 33 15.61 -1.16 0.05
N ALA A 34 15.02 -0.83 1.18
CA ALA A 34 15.03 -1.70 2.31
C ALA A 34 14.17 -2.94 2.07
N ASN A 35 13.13 -2.82 1.25
CA ASN A 35 12.21 -3.93 1.01
C ASN A 35 11.99 -4.18 -0.47
N SER A 36 12.90 -3.72 -1.32
CA SER A 36 12.73 -3.85 -2.76
C SER A 36 14.06 -3.83 -3.45
N THR A 37 14.04 -4.03 -4.77
CA THR A 37 15.25 -3.86 -5.59
C THR A 37 14.88 -3.05 -6.80
N THR A 38 15.89 -2.55 -7.51
CA THR A 38 15.62 -1.78 -8.70
C THR A 38 15.06 -2.59 -9.84
N ALA A 39 15.03 -3.93 -9.73
CA ALA A 39 14.33 -4.73 -10.73
C ALA A 39 12.87 -4.34 -10.87
N ASN A 40 12.31 -3.75 -9.80
CA ASN A 40 10.91 -3.33 -9.88
C ASN A 40 10.68 -2.14 -10.83
N ILE A 41 11.74 -1.40 -11.13
CA ILE A 41 11.66 -0.21 -11.96
C ILE A 41 12.53 -0.25 -13.21
N THR A 42 13.18 -1.38 -13.48
CA THR A 42 13.96 -1.57 -14.74
CA THR A 42 13.99 -1.46 -14.69
C THR A 42 13.17 -1.22 -15.96
N GLU A 43 11.88 -1.58 -15.96
CA GLU A 43 11.01 -1.30 -17.06
C GLU A 43 11.06 0.18 -17.49
N PHE A 44 11.36 1.06 -16.56
CA PHE A 44 11.29 2.50 -16.76
C PHE A 44 12.66 3.16 -16.94
N ALA A 45 13.71 2.35 -17.04
CA ALA A 45 15.06 2.88 -17.05
C ALA A 45 15.41 3.76 -18.23
N HIS A 46 14.61 3.72 -19.28
CA HIS A 46 14.87 4.56 -20.44
C HIS A 46 13.76 5.58 -20.66
N ASP A 47 12.91 5.77 -19.66
CA ASP A 47 11.85 6.81 -19.77
C ASP A 47 12.43 8.12 -19.27
N LEU A 48 12.55 9.11 -20.16
CA LEU A 48 13.12 10.38 -19.81
C LEU A 48 12.30 11.12 -18.74
N ASN A 49 11.03 10.73 -18.58
CA ASN A 49 10.22 11.36 -17.53
C ASN A 49 10.47 10.78 -16.16
N LEU A 50 11.19 9.67 -16.05
CA LEU A 50 11.66 9.21 -14.74
C LEU A 50 12.97 9.92 -14.47
N LYS A 51 12.91 10.99 -13.70
CA LYS A 51 14.03 11.91 -13.59
CA LYS A 51 14.02 11.92 -13.57
C LYS A 51 15.16 11.39 -12.73
N GLN A 52 14.84 10.75 -11.62
CA GLN A 52 15.85 10.31 -10.68
C GLN A 52 15.25 9.24 -9.81
N CYS A 53 16.08 8.28 -9.40
CA CYS A 53 15.72 7.34 -8.36
CA CYS A 53 15.71 7.33 -8.35
C CYS A 53 16.72 7.49 -7.24
N ILE A 54 16.33 8.22 -6.20
CA ILE A 54 17.24 8.55 -5.12
C ILE A 54 17.19 7.43 -4.10
N GLN A 55 18.31 6.80 -3.82
CA GLN A 55 18.42 5.82 -2.76
C GLN A 55 18.73 6.54 -1.47
N GLY A 56 17.68 6.85 -0.72
CA GLY A 56 17.82 7.67 0.47
C GLY A 56 16.64 7.37 1.38
N ASP A 57 16.74 7.87 2.58
CA ASP A 57 15.87 7.46 3.69
C ASP A 57 15.02 8.64 4.10
N ILE A 58 13.71 8.42 4.18
CA ILE A 58 12.79 9.47 4.67
C ILE A 58 13.06 9.87 6.14
N LYS A 59 13.80 9.05 6.88
CA LYS A 59 14.21 9.41 8.23
C LYS A 59 15.39 10.36 8.26
N ASP A 60 16.03 10.59 7.13
CA ASP A 60 17.19 11.47 7.06
C ASP A 60 16.70 12.90 6.79
N LYS A 61 16.57 13.67 7.86
CA LYS A 61 15.93 14.98 7.78
C LYS A 61 16.67 15.89 6.79
N LYS A 62 17.99 15.82 6.80
CA LYS A 62 18.75 16.71 5.93
C LYS A 62 18.56 16.36 4.47
N LEU A 63 18.59 15.06 4.15
CA LEU A 63 18.31 14.63 2.81
C LEU A 63 16.92 15.05 2.33
N VAL A 64 15.92 14.88 3.19
CA VAL A 64 14.55 15.25 2.83
C VAL A 64 14.45 16.76 2.60
N ALA A 65 15.09 17.55 3.46
CA ALA A 65 15.08 18.99 3.25
C ALA A 65 15.75 19.38 1.94
N GLN A 66 16.94 18.81 1.67
CA GLN A 66 17.63 19.12 0.44
C GLN A 66 16.86 18.72 -0.80
N LEU A 67 16.18 17.57 -0.74
CA LEU A 67 15.43 17.09 -1.86
C LEU A 67 14.31 18.07 -2.24
N PHE A 68 13.60 18.60 -1.26
CA PHE A 68 12.52 19.56 -1.54
C PHE A 68 13.04 20.95 -1.88
N GLU A 69 14.16 21.33 -1.28
CA GLU A 69 14.78 22.66 -1.48
C GLU A 69 15.29 22.76 -2.90
N ASN A 70 15.73 21.64 -3.48
CA ASN A 70 16.41 21.64 -4.77
C ASN A 70 15.57 21.10 -5.93
N ASN A 71 14.29 20.82 -5.67
CA ASN A 71 13.33 20.51 -6.68
C ASN A 71 12.11 21.43 -6.50
N SER A 72 11.20 21.34 -7.42
CA SER A 72 9.96 22.10 -7.36
C SER A 72 8.74 21.20 -7.49
N PHE A 73 8.57 20.30 -6.55
CA PHE A 73 7.48 19.33 -6.68
C PHE A 73 6.12 20.01 -6.56
N ASP A 74 5.18 19.46 -7.33
CA ASP A 74 3.77 19.81 -7.17
C ASP A 74 3.08 18.89 -6.17
N LEU A 75 3.47 17.62 -6.17
CA LEU A 75 2.66 16.55 -5.60
C LEU A 75 3.58 15.45 -5.11
N CYS A 76 3.24 14.87 -3.94
CA CYS A 76 4.00 13.77 -3.36
C CYS A 76 3.05 12.64 -3.02
N TYR A 77 3.30 11.45 -3.58
CA TYR A 77 2.62 10.23 -3.20
C TYR A 77 3.55 9.55 -2.20
N HIS A 78 3.13 9.51 -0.94
CA HIS A 78 3.97 9.02 0.14
C HIS A 78 3.64 7.57 0.49
N LEU A 79 4.35 6.64 -0.18
CA LEU A 79 4.18 5.20 -0.01
C LEU A 79 5.26 4.55 0.81
N ALA A 80 6.41 5.21 0.98
CA ALA A 80 7.49 4.58 1.72
C ALA A 80 7.08 4.28 3.15
N ALA A 81 7.34 3.05 3.61
CA ALA A 81 6.97 2.63 4.96
C ALA A 81 7.55 1.26 5.23
N SER A 82 7.70 0.95 6.52
CA SER A 82 7.71 -0.43 7.02
C SER A 82 6.29 -0.97 7.02
N ILE A 83 6.08 -2.19 6.52
CA ILE A 83 4.74 -2.68 6.24
C ILE A 83 4.37 -3.95 6.96
N ASN A 84 5.28 -4.53 7.72
CA ASN A 84 5.07 -5.87 8.26
C ASN A 84 4.54 -5.83 9.69
N VAL A 85 3.36 -6.38 9.90
CA VAL A 85 2.76 -6.37 11.23
C VAL A 85 3.65 -7.07 12.25
N GLN A 86 4.12 -8.28 11.94
CA GLN A 86 4.90 -8.98 12.94
C GLN A 86 6.18 -8.24 13.31
N ASP A 87 6.88 -7.66 12.34
CA ASP A 87 8.08 -6.88 12.63
CA ASP A 87 8.07 -6.94 12.70
C ASP A 87 7.74 -5.72 13.58
N SER A 88 6.58 -5.12 13.40
CA SER A 88 6.19 -4.00 14.25
C SER A 88 5.90 -4.43 15.66
N ILE A 89 5.44 -5.67 15.85
CA ILE A 89 5.32 -6.23 17.20
C ILE A 89 6.67 -6.59 17.78
N ASP A 90 7.55 -7.17 16.96
CA ASP A 90 8.88 -7.54 17.45
C ASP A 90 9.72 -6.30 17.74
N ASP A 91 9.51 -5.22 17.00
CA ASP A 91 10.40 -4.02 17.04
C ASP A 91 9.54 -2.83 16.74
N ALA A 92 8.84 -2.33 17.73
CA ALA A 92 7.93 -1.22 17.40
C ALA A 92 8.66 0.03 16.96
N ARG A 93 9.81 0.31 17.58
CA ARG A 93 10.49 1.56 17.29
C ARG A 93 10.79 1.72 15.80
N ALA A 94 11.32 0.69 15.15
CA ALA A 94 11.71 0.89 13.77
C ALA A 94 10.47 1.24 12.93
N THR A 95 9.35 0.56 13.20
CA THR A 95 8.12 0.84 12.44
C THR A 95 7.61 2.25 12.72
N PHE A 96 7.64 2.68 13.97
CA PHE A 96 7.27 4.05 14.34
C PHE A 96 8.13 5.10 13.65
N GLU A 97 9.42 4.89 13.69
CA GLU A 97 10.38 5.86 13.11
C GLU A 97 10.16 5.95 11.61
N ASN A 98 9.98 4.80 10.93
CA ASN A 98 9.76 4.85 9.49
C ASN A 98 8.39 5.41 9.13
N ASP A 99 7.35 5.04 9.88
CA ASP A 99 6.01 5.28 9.38
C ASP A 99 5.40 6.52 9.94
N THR A 100 5.78 6.93 11.14
CA THR A 100 5.23 8.16 11.73
C THR A 100 6.24 9.29 11.59
N ILE A 101 7.46 9.10 12.11
CA ILE A 101 8.48 10.16 12.02
C ILE A 101 8.83 10.46 10.57
N GLY A 102 9.02 9.41 9.77
CA GLY A 102 9.34 9.65 8.34
C GLY A 102 8.26 10.46 7.63
N THR A 103 7.01 10.13 7.90
CA THR A 103 5.90 10.91 7.36
C THR A 103 6.00 12.36 7.77
N PHE A 104 6.22 12.59 9.06
CA PHE A 104 6.31 13.94 9.55
C PHE A 104 7.43 14.75 8.83
N ASN A 105 8.58 14.11 8.63
CA ASN A 105 9.69 14.80 7.95
C ASN A 105 9.24 15.28 6.57
N LEU A 106 8.55 14.41 5.83
CA LEU A 106 8.09 14.78 4.50
C LEU A 106 7.03 15.87 4.59
N LEU A 107 6.11 15.75 5.54
CA LEU A 107 5.00 16.66 5.67
C LEU A 107 5.50 18.07 5.92
N GLU A 108 6.53 18.22 6.74
CA GLU A 108 7.12 19.52 7.06
C GLU A 108 7.61 20.20 5.75
N GLN A 109 8.27 19.44 4.86
CA GLN A 109 8.72 20.04 3.62
C GLN A 109 7.58 20.27 2.63
N CYS A 110 6.55 19.41 2.66
CA CYS A 110 5.37 19.66 1.85
C CYS A 110 4.75 21.01 2.19
N LEU A 111 4.69 21.34 3.48
CA LEU A 111 4.19 22.64 3.87
C LEU A 111 5.09 23.76 3.38
N ASN A 112 6.40 23.60 3.52
CA ASN A 112 7.32 24.64 3.15
C ASN A 112 7.17 24.99 1.68
N TYR A 113 6.89 23.99 0.83
CA TYR A 113 6.94 24.17 -0.64
C TYR A 113 5.60 23.96 -1.32
N ASP A 114 4.51 23.98 -0.56
CA ASP A 114 3.16 23.84 -1.06
C ASP A 114 2.95 22.60 -1.92
N VAL A 115 3.45 21.46 -1.43
CA VAL A 115 3.40 20.19 -2.14
C VAL A 115 2.24 19.38 -1.60
N LYS A 116 1.26 19.04 -2.44
CA LYS A 116 0.15 18.21 -2.00
C LYS A 116 0.68 16.83 -1.61
N MET A 117 0.22 16.29 -0.49
CA MET A 117 0.58 14.95 -0.08
C MET A 117 -0.59 13.98 -0.15
N VAL A 118 -0.43 12.90 -0.90
CA VAL A 118 -1.27 11.73 -0.77
C VAL A 118 -0.58 10.79 0.21
N PHE A 119 -1.18 10.61 1.39
CA PHE A 119 -0.62 9.74 2.41
C PHE A 119 -1.19 8.33 2.29
N MET A 120 -0.37 7.35 2.00
CA MET A 120 -0.76 5.96 1.94
C MET A 120 -0.91 5.36 3.31
N SER A 121 -2.15 5.27 3.77
CA SER A 121 -2.48 4.57 4.99
C SER A 121 -2.91 3.17 4.62
N THR A 122 -3.74 2.51 5.43
CA THR A 122 -3.95 1.08 5.31
C THR A 122 -5.31 0.72 5.94
N CYS A 123 -5.97 -0.29 5.38
CA CYS A 123 -7.27 -0.73 5.90
C CYS A 123 -7.11 -1.46 7.22
N MET A 124 -5.87 -1.59 7.68
CA MET A 124 -5.59 -2.28 8.93
C MET A 124 -5.92 -1.39 10.14
N VAL A 125 -5.99 -0.09 9.90
CA VAL A 125 -6.30 0.86 10.97
C VAL A 125 -7.75 0.75 11.39
N TYR A 126 -8.44 -0.28 10.89
CA TYR A 126 -9.83 -0.50 11.22
C TYR A 126 -10.03 -1.63 12.21
N ASP A 127 -11.05 -1.47 13.04
CA ASP A 127 -11.70 -2.61 13.69
C ASP A 127 -12.47 -3.42 12.62
N LYS A 128 -12.73 -4.67 12.96
CA LYS A 128 -13.38 -5.57 12.01
C LYS A 128 -14.70 -5.10 11.46
N ALA A 129 -14.97 -5.48 10.22
CA ALA A 129 -16.31 -5.35 9.66
C ALA A 129 -17.31 -6.16 10.47
N THR A 130 -18.54 -5.65 10.51
CA THR A 130 -19.61 -6.33 11.28
C THR A 130 -20.83 -6.68 10.46
N ASN A 131 -20.81 -6.39 9.18
CA ASN A 131 -21.92 -6.74 8.28
C ASN A 131 -21.49 -6.72 6.81
N ILE A 132 -22.41 -7.04 5.89
CA ILE A 132 -22.02 -7.17 4.50
C ILE A 132 -21.89 -5.86 3.75
N GLN A 133 -22.24 -4.74 4.39
CA GLN A 133 -22.01 -3.44 3.81
C GLN A 133 -20.53 -3.04 3.89
N GLY A 134 -19.84 -3.62 4.87
CA GLY A 134 -18.41 -3.37 4.96
C GLY A 134 -18.07 -2.10 5.70
N ILE A 135 -16.78 -1.82 5.75
CA ILE A 135 -16.20 -0.74 6.56
C ILE A 135 -16.10 0.53 5.74
N SER A 136 -16.72 1.58 6.26
CA SER A 136 -16.62 2.90 5.67
C SER A 136 -15.59 3.75 6.44
N GLU A 137 -15.31 4.91 5.89
CA GLU A 137 -14.39 5.87 6.53
C GLU A 137 -14.88 6.42 7.85
N LEU A 138 -16.15 6.23 8.16
CA LEU A 138 -16.70 6.68 9.44
C LEU A 138 -16.57 5.63 10.54
N ASP A 139 -16.15 4.41 10.20
CA ASP A 139 -16.21 3.28 11.12
C ASP A 139 -15.01 3.21 12.08
N PRO A 140 -15.12 2.41 13.15
CA PRO A 140 -14.15 2.53 14.23
C PRO A 140 -12.75 2.13 13.81
N ILE A 141 -11.80 2.81 14.43
CA ILE A 141 -10.38 2.48 14.31
C ILE A 141 -9.90 1.70 15.52
N LYS A 142 -8.91 0.83 15.32
CA LYS A 142 -8.40 0.00 16.38
C LYS A 142 -6.95 -0.33 16.06
N PRO A 143 -5.99 0.28 16.75
CA PRO A 143 -4.57 0.09 16.41
C PRO A 143 -4.06 -1.20 17.02
N ALA A 144 -4.29 -2.34 16.37
CA ALA A 144 -4.08 -3.63 17.03
C ALA A 144 -2.60 -4.09 16.97
N SER A 145 -1.79 -3.39 16.18
CA SER A 145 -0.35 -3.58 16.15
C SER A 145 0.31 -2.23 16.11
N PRO A 146 1.61 -2.18 16.44
CA PRO A 146 2.31 -0.88 16.30
C PRO A 146 2.36 -0.39 14.85
N TYR A 147 2.31 -1.28 13.84
CA TYR A 147 2.13 -0.84 12.45
C TYR A 147 0.85 -0.02 12.29
N ALA A 148 -0.27 -0.58 12.73
CA ALA A 148 -1.52 0.12 12.61
C ALA A 148 -1.49 1.43 13.40
N GLY A 149 -0.93 1.40 14.62
CA GLY A 149 -0.87 2.63 15.40
C GLY A 149 -0.03 3.70 14.72
N SER A 150 1.10 3.30 14.14
CA SER A 150 2.02 4.23 13.48
CA SER A 150 2.01 4.24 13.48
C SER A 150 1.34 4.87 12.27
N LYS A 151 0.53 4.08 11.55
CA LYS A 151 -0.19 4.60 10.38
C LYS A 151 -1.27 5.59 10.80
N ILE A 152 -2.03 5.25 11.86
CA ILE A 152 -3.05 6.20 12.34
C ILE A 152 -2.38 7.48 12.83
N ALA A 153 -1.23 7.33 13.49
CA ALA A 153 -0.50 8.48 14.00
C ALA A 153 -0.14 9.40 12.81
N ALA A 154 0.39 8.80 11.75
CA ALA A 154 0.78 9.54 10.56
C ALA A 154 -0.43 10.23 9.93
N GLU A 155 -1.55 9.50 9.82
CA GLU A 155 -2.77 10.09 9.25
C GLU A 155 -3.12 11.40 9.96
N ASN A 156 -3.01 11.38 11.28
CA ASN A 156 -3.46 12.53 12.05
C ASN A 156 -2.51 13.68 11.96
N MET A 157 -1.22 13.45 11.82
CA MET A 157 -0.33 14.55 11.52
C MET A 157 -0.62 15.15 10.14
N VAL A 158 -0.83 14.30 9.15
CA VAL A 158 -1.13 14.76 7.79
C VAL A 158 -2.41 15.61 7.77
N LEU A 159 -3.47 15.10 8.38
CA LEU A 159 -4.73 15.83 8.39
C LEU A 159 -4.60 17.13 9.19
N SER A 160 -3.79 17.13 10.24
CA SER A 160 -3.60 18.38 11.00
C SER A 160 -3.06 19.48 10.14
N TYR A 161 -2.24 19.16 9.14
CA TYR A 161 -1.71 20.18 8.24
C TYR A 161 -2.77 20.72 7.30
N TYR A 162 -3.69 19.87 6.86
CA TYR A 162 -4.82 20.32 6.06
C TYR A 162 -5.67 21.33 6.84
N TYR A 163 -5.96 21.01 8.10
CA TYR A 163 -6.76 21.93 8.90
C TYR A 163 -6.02 23.19 9.26
N ALA A 164 -4.81 23.07 9.78
CA ALA A 164 -4.11 24.22 10.31
C ALA A 164 -3.63 25.17 9.24
N TYR A 165 -3.25 24.62 8.08
CA TYR A 165 -2.56 25.39 7.04
C TYR A 165 -3.27 25.40 5.70
N LYS A 166 -4.35 24.65 5.53
CA LYS A 166 -5.01 24.44 4.24
C LYS A 166 -4.06 23.80 3.24
N LEU A 167 -3.13 22.99 3.71
CA LEU A 167 -2.26 22.23 2.80
C LEU A 167 -3.08 21.11 2.18
N PRO A 168 -3.14 21.00 0.85
CA PRO A 168 -3.80 19.84 0.25
C PRO A 168 -3.17 18.52 0.66
N VAL A 169 -4.00 17.65 1.20
CA VAL A 169 -3.60 16.26 1.51
C VAL A 169 -4.76 15.35 1.23
N VAL A 170 -4.47 14.06 1.05
CA VAL A 170 -5.52 13.05 1.01
C VAL A 170 -4.99 11.89 1.84
N VAL A 171 -5.80 11.34 2.73
CA VAL A 171 -5.44 10.12 3.46
C VAL A 171 -6.17 8.99 2.78
N ILE A 172 -5.46 8.02 2.24
CA ILE A 172 -6.08 6.89 1.57
C ILE A 172 -5.86 5.61 2.36
N ARG A 173 -6.91 4.79 2.41
CA ARG A 173 -6.89 3.50 3.12
C ARG A 173 -7.23 2.36 2.19
N PRO A 174 -6.30 1.99 1.31
CA PRO A 174 -6.54 0.80 0.50
C PRO A 174 -6.52 -0.44 1.35
N PHE A 175 -7.30 -1.43 0.90
CA PHE A 175 -7.32 -2.74 1.54
C PHE A 175 -6.21 -3.61 0.93
N ASN A 176 -5.98 -4.76 1.54
CA ASN A 176 -4.90 -5.67 1.17
C ASN A 176 -4.78 -5.78 -0.34
N THR A 177 -3.58 -5.52 -0.84
CA THR A 177 -3.32 -5.44 -2.26
C THR A 177 -2.37 -6.56 -2.67
N TYR A 178 -2.56 -7.12 -3.86
CA TYR A 178 -1.76 -8.25 -4.33
C TYR A 178 -1.51 -8.05 -5.82
N GLY A 179 -0.53 -8.81 -6.35
CA GLY A 179 -0.22 -8.77 -7.78
C GLY A 179 1.23 -8.89 -8.13
N PRO A 180 1.48 -8.79 -9.44
CA PRO A 180 2.86 -8.74 -9.89
C PRO A 180 3.67 -7.71 -9.16
N PHE A 181 4.90 -8.09 -8.87
CA PHE A 181 5.93 -7.34 -8.16
C PHE A 181 5.85 -7.42 -6.64
N GLN A 182 4.84 -8.09 -6.08
CA GLN A 182 4.83 -8.34 -4.66
C GLN A 182 5.75 -9.51 -4.34
N LYS A 183 6.53 -9.35 -3.29
CA LYS A 183 7.50 -10.38 -2.84
C LYS A 183 6.75 -11.63 -2.44
N THR A 184 7.44 -12.77 -2.60
CA THR A 184 6.84 -14.10 -2.37
C THR A 184 7.37 -14.85 -1.15
N GLY A 185 8.38 -14.30 -0.50
CA GLY A 185 8.96 -14.87 0.69
C GLY A 185 8.25 -14.44 1.96
N GLY A 186 8.96 -14.58 3.07
CA GLY A 186 8.34 -14.33 4.39
C GLY A 186 7.89 -12.90 4.59
N GLU A 187 8.43 -11.96 3.82
CA GLU A 187 7.97 -10.59 3.84
C GLU A 187 6.89 -10.29 2.84
N GLY A 188 6.41 -11.29 2.08
CA GLY A 188 5.39 -11.08 1.10
C GLY A 188 3.98 -11.14 1.66
N GLY A 189 3.04 -10.91 0.77
CA GLY A 189 1.62 -11.00 1.10
C GLY A 189 1.13 -12.41 0.86
N VAL A 190 0.00 -12.72 1.49
CA VAL A 190 -0.54 -14.08 1.46
C VAL A 190 -0.78 -14.60 0.05
N VAL A 191 -1.24 -13.78 -0.88
CA VAL A 191 -1.49 -14.25 -2.22
C VAL A 191 -0.18 -14.65 -2.88
N ALA A 192 0.84 -13.82 -2.77
CA ALA A 192 2.15 -14.12 -3.35
C ALA A 192 2.78 -15.37 -2.74
N ILE A 193 2.70 -15.47 -1.43
CA ILE A 193 3.26 -16.61 -0.71
C ILE A 193 2.58 -17.90 -1.16
N PHE A 194 1.26 -17.90 -1.19
CA PHE A 194 0.53 -19.09 -1.58
C PHE A 194 0.79 -19.49 -3.04
N ILE A 195 0.73 -18.53 -3.94
CA ILE A 195 1.03 -18.89 -5.34
C ILE A 195 2.42 -19.44 -5.46
N ASN A 196 3.41 -18.81 -4.84
CA ASN A 196 4.77 -19.29 -4.92
C ASN A 196 4.94 -20.67 -4.31
N ASN A 197 4.29 -20.93 -3.19
CA ASN A 197 4.34 -22.26 -2.60
C ASN A 197 3.78 -23.31 -3.55
N LYS A 198 2.64 -23.02 -4.16
CA LYS A 198 2.10 -23.89 -5.17
C LYS A 198 3.09 -24.18 -6.29
N LEU A 199 3.72 -23.13 -6.83
CA LEU A 199 4.70 -23.33 -7.91
C LEU A 199 5.90 -24.11 -7.44
N ASP A 200 6.28 -23.99 -6.18
CA ASP A 200 7.41 -24.68 -5.59
C ASP A 200 7.03 -26.10 -5.12
N ASN A 201 5.77 -26.50 -5.28
CA ASN A 201 5.33 -27.81 -4.82
C ASN A 201 5.51 -28.02 -3.35
N VAL A 202 5.21 -26.98 -2.57
CA VAL A 202 5.19 -27.08 -1.13
C VAL A 202 3.84 -26.63 -0.57
N PRO A 203 3.51 -27.10 0.64
CA PRO A 203 2.18 -26.81 1.15
C PRO A 203 1.89 -25.34 1.40
N LEU A 204 0.60 -25.02 1.43
CA LEU A 204 0.15 -23.71 1.94
C LEU A 204 -0.08 -23.83 3.42
N ASN A 205 0.43 -22.88 4.20
CA ASN A 205 0.22 -22.88 5.63
C ASN A 205 -0.63 -21.69 6.03
N ILE A 206 -1.69 -21.98 6.74
CA ILE A 206 -2.66 -20.97 7.18
C ILE A 206 -2.53 -20.70 8.64
N TYR A 207 -2.38 -19.42 8.98
CA TYR A 207 -2.27 -19.01 10.39
C TYR A 207 -3.65 -19.05 11.07
N GLY A 208 -3.65 -19.70 12.25
CA GLY A 208 -4.87 -19.81 13.01
C GLY A 208 -5.88 -20.73 12.35
N ASP A 209 -7.15 -20.44 12.50
CA ASP A 209 -8.20 -21.28 11.96
C ASP A 209 -8.56 -20.96 10.54
N GLY A 210 -7.92 -19.93 9.95
CA GLY A 210 -8.19 -19.60 8.58
C GLY A 210 -9.51 -18.94 8.24
N LYS A 211 -10.36 -18.72 9.26
CA LYS A 211 -11.68 -18.16 9.03
C LYS A 211 -11.66 -16.63 8.86
N GLN A 212 -10.54 -16.04 9.25
CA GLN A 212 -10.38 -14.60 9.08
C GLN A 212 -10.48 -14.27 7.60
N THR A 213 -11.00 -13.10 7.27
CA THR A 213 -11.24 -12.71 5.90
C THR A 213 -10.44 -11.51 5.45
N ARG A 214 -10.25 -11.46 4.13
CA ARG A 214 -9.66 -10.31 3.48
C ARG A 214 -10.41 -9.90 2.24
N ASP A 215 -10.41 -8.58 2.00
CA ASP A 215 -10.88 -7.95 0.78
C ASP A 215 -9.61 -7.66 -0.03
N LEU A 216 -9.43 -8.38 -1.13
CA LEU A 216 -8.18 -8.40 -1.85
C LEU A 216 -8.28 -7.61 -3.15
N LEU A 217 -7.42 -6.58 -3.23
CA LEU A 217 -7.45 -5.59 -4.30
C LEU A 217 -6.27 -5.80 -5.24
N TYR A 218 -6.56 -5.96 -6.52
CA TYR A 218 -5.49 -6.15 -7.48
C TYR A 218 -4.64 -4.88 -7.64
N VAL A 219 -3.33 -5.05 -7.74
CA VAL A 219 -2.43 -3.90 -7.66
C VAL A 219 -2.62 -2.86 -8.74
N GLU A 220 -2.98 -3.26 -9.92
CA GLU A 220 -3.24 -2.23 -10.93
C GLU A 220 -4.49 -1.37 -10.65
N ASP A 221 -5.48 -1.97 -10.02
CA ASP A 221 -6.62 -1.22 -9.54
C ASP A 221 -6.24 -0.31 -8.39
N CYS A 222 -5.46 -0.83 -7.44
CA CYS A 222 -4.96 -0.01 -6.32
C CYS A 222 -4.17 1.19 -6.80
N ALA A 223 -3.24 0.97 -7.74
CA ALA A 223 -2.40 2.05 -8.21
C ALA A 223 -3.22 3.13 -8.91
N ASP A 224 -4.26 2.73 -9.65
CA ASP A 224 -5.10 3.73 -10.30
C ASP A 224 -5.83 4.58 -9.25
N PHE A 225 -6.30 3.93 -8.18
CA PHE A 225 -6.92 4.66 -7.07
C PHE A 225 -5.94 5.65 -6.43
N VAL A 226 -4.74 5.17 -6.14
CA VAL A 226 -3.75 6.02 -5.50
C VAL A 226 -3.51 7.27 -6.36
N VAL A 227 -3.26 7.03 -7.66
CA VAL A 227 -2.99 8.14 -8.57
C VAL A 227 -4.15 9.12 -8.61
N ALA A 228 -5.36 8.58 -8.74
CA ALA A 228 -6.56 9.41 -8.81
C ALA A 228 -6.70 10.34 -7.61
N ALA A 229 -6.39 9.83 -6.43
CA ALA A 229 -6.45 10.68 -5.23
C ALA A 229 -5.53 11.88 -5.32
N GLY A 230 -4.34 11.69 -5.91
CA GLY A 230 -3.42 12.77 -6.14
C GLY A 230 -3.89 13.78 -7.15
N TYR A 231 -4.53 13.31 -8.21
CA TYR A 231 -4.99 14.19 -9.30
C TYR A 231 -6.23 14.99 -8.91
N SER A 232 -6.99 14.54 -7.90
CA SER A 232 -8.31 15.11 -7.58
C SER A 232 -8.22 16.16 -6.48
N ALA A 233 -8.51 17.44 -6.78
CA ALA A 233 -8.62 18.42 -5.70
C ALA A 233 -9.87 18.23 -4.85
N LYS A 234 -10.89 17.60 -5.42
CA LYS A 234 -12.12 17.26 -4.67
C LYS A 234 -11.81 16.32 -3.52
N ALA A 235 -10.75 15.51 -3.64
CA ALA A 235 -10.36 14.59 -2.58
C ALA A 235 -9.59 15.28 -1.44
N ASN A 236 -9.19 16.52 -1.62
CA ASN A 236 -8.38 17.19 -0.61
C ASN A 236 -9.13 17.25 0.72
N GLY A 237 -8.41 16.85 1.77
CA GLY A 237 -8.96 16.88 3.12
C GLY A 237 -9.69 15.63 3.53
N HIS A 238 -9.86 14.68 2.62
CA HIS A 238 -10.59 13.47 2.87
C HIS A 238 -9.78 12.27 3.28
N ILE A 239 -10.44 11.39 4.04
CA ILE A 239 -10.06 10.00 4.16
C ILE A 239 -10.86 9.21 3.16
N ILE A 240 -10.25 8.35 2.36
CA ILE A 240 -10.92 7.56 1.32
C ILE A 240 -10.40 6.12 1.30
N ASN A 241 -11.29 5.15 1.42
CA ASN A 241 -10.98 3.73 1.30
C ASN A 241 -10.92 3.30 -0.16
N ALA A 242 -10.22 2.20 -0.42
CA ALA A 242 -10.35 1.47 -1.67
C ALA A 242 -10.30 -0.02 -1.42
N GLY A 243 -11.10 -0.77 -2.17
CA GLY A 243 -11.20 -2.21 -2.02
C GLY A 243 -12.22 -2.69 -3.00
N THR A 244 -12.58 -3.96 -2.87
CA THR A 244 -13.54 -4.57 -3.84
C THR A 244 -14.94 -4.76 -3.32
N GLY A 245 -15.14 -4.72 -2.00
CA GLY A 245 -16.46 -4.91 -1.44
C GLY A 245 -16.89 -6.37 -1.39
N GLN A 246 -15.92 -7.26 -1.55
CA GLN A 246 -16.12 -8.69 -1.34
CA GLN A 246 -16.12 -8.69 -1.35
C GLN A 246 -14.95 -9.22 -0.54
N ASP A 247 -15.20 -10.15 0.38
CA ASP A 247 -14.14 -10.74 1.16
C ASP A 247 -14.09 -12.25 0.98
N ILE A 248 -12.95 -12.83 1.33
CA ILE A 248 -12.76 -14.27 1.25
C ILE A 248 -12.02 -14.72 2.50
N SER A 249 -12.38 -15.87 3.08
CA SER A 249 -11.58 -16.42 4.13
C SER A 249 -10.25 -16.94 3.62
N ILE A 250 -9.26 -16.97 4.51
CA ILE A 250 -7.95 -17.50 4.13
C ILE A 250 -8.08 -18.99 3.78
N ASN A 251 -8.99 -19.71 4.44
CA ASN A 251 -9.20 -21.10 4.05
C ASN A 251 -9.61 -21.21 2.59
N LYS A 252 -10.59 -20.40 2.19
CA LYS A 252 -11.09 -20.46 0.82
C LYS A 252 -10.08 -19.90 -0.18
N LEU A 253 -9.31 -18.88 0.23
CA LEU A 253 -8.25 -18.38 -0.65
C LEU A 253 -7.22 -19.45 -0.94
N ALA A 254 -6.85 -20.19 0.10
CA ALA A 254 -5.88 -21.27 -0.08
C ALA A 254 -6.40 -22.32 -1.05
N GLU A 255 -7.68 -22.69 -0.94
CA GLU A 255 -8.25 -23.69 -1.87
C GLU A 255 -8.28 -23.15 -3.29
N LEU A 256 -8.60 -21.86 -3.46
CA LEU A 256 -8.63 -21.26 -4.79
C LEU A 256 -7.24 -21.32 -5.41
N ILE A 257 -6.21 -20.91 -4.68
CA ILE A 257 -4.89 -20.82 -5.23
C ILE A 257 -4.28 -22.21 -5.44
N SER A 258 -4.42 -23.10 -4.45
CA SER A 258 -3.80 -24.43 -4.61
C SER A 258 -4.44 -25.19 -5.75
N GLY A 259 -5.76 -25.14 -5.82
CA GLY A 259 -6.46 -26.05 -6.76
C GLY A 259 -6.08 -27.51 -6.57
N ASN A 260 -5.82 -27.85 -5.32
CA ASN A 260 -5.34 -29.15 -4.92
C ASN A 260 -4.07 -29.61 -5.60
N LYS A 261 -3.21 -28.72 -6.05
CA LYS A 261 -1.88 -29.10 -6.45
C LYS A 261 -0.98 -29.44 -5.28
N VAL A 262 -1.21 -28.72 -4.17
CA VAL A 262 -0.48 -28.94 -2.95
C VAL A 262 -1.42 -28.98 -1.77
N SER A 263 -0.92 -29.57 -0.69
CA SER A 263 -1.72 -29.68 0.53
C SER A 263 -1.84 -28.30 1.21
N ILE A 264 -2.76 -28.24 2.15
CA ILE A 264 -3.09 -26.99 2.89
C ILE A 264 -3.18 -27.38 4.35
N GLN A 265 -2.35 -26.74 5.17
CA GLN A 265 -2.24 -27.01 6.59
C GLN A 265 -2.51 -25.76 7.43
N HIS A 266 -2.85 -25.94 8.70
CA HIS A 266 -2.93 -24.87 9.67
C HIS A 266 -1.78 -24.90 10.62
N VAL A 267 -1.32 -23.71 11.03
CA VAL A 267 -0.23 -23.58 11.99
C VAL A 267 -0.65 -22.48 13.00
N THR A 268 0.04 -22.47 14.13
CA THR A 268 -0.25 -21.49 15.16
C THR A 268 -0.17 -20.08 14.57
N HIS A 269 -1.15 -19.27 14.90
CA HIS A 269 -1.17 -17.87 14.45
C HIS A 269 -0.01 -17.12 15.07
N ILE A 270 0.71 -16.37 14.27
CA ILE A 270 1.87 -15.61 14.75
C ILE A 270 1.48 -14.37 15.59
N HIS A 271 0.29 -13.85 15.42
CA HIS A 271 -0.16 -12.69 16.19
C HIS A 271 -1.67 -12.59 16.25
N PRO A 272 -2.30 -13.52 16.94
CA PRO A 272 -3.75 -13.52 16.95
C PRO A 272 -4.34 -12.28 17.64
N GLN A 273 -3.55 -11.74 18.56
CA GLN A 273 -3.92 -10.53 19.28
C GLN A 273 -4.02 -9.32 18.39
N SER A 274 -3.40 -9.37 17.22
CA SER A 274 -3.33 -8.21 16.31
C SER A 274 -4.10 -8.47 15.03
N GLU A 275 -4.72 -9.64 14.93
CA GLU A 275 -5.47 -10.01 13.75
C GLU A 275 -6.75 -9.18 13.64
N ILE A 276 -7.26 -9.04 12.43
CA ILE A 276 -8.56 -8.46 12.18
C ILE A 276 -9.42 -9.55 11.58
N GLN A 277 -10.50 -9.91 12.24
CA GLN A 277 -11.25 -11.09 11.86
C GLN A 277 -11.97 -11.02 10.53
N LYS A 278 -12.44 -9.83 10.18
CA LYS A 278 -13.18 -9.59 8.96
C LYS A 278 -12.78 -8.24 8.39
N LEU A 279 -12.22 -8.24 7.20
CA LEU A 279 -11.90 -7.04 6.45
C LEU A 279 -12.70 -7.03 5.15
N LEU A 280 -13.58 -6.05 5.04
CA LEU A 280 -14.49 -5.92 3.90
C LEU A 280 -14.67 -4.43 3.69
N CYS A 281 -14.41 -3.94 2.49
CA CYS A 281 -14.38 -2.49 2.24
C CYS A 281 -15.68 -1.96 1.65
N ASN A 282 -16.18 -0.85 2.21
CA ASN A 282 -17.16 0.01 1.57
C ASN A 282 -16.40 1.10 0.86
N TYR A 283 -16.38 1.04 -0.47
CA TYR A 283 -15.67 2.02 -1.28
C TYR A 283 -16.57 3.02 -2.00
N GLU A 284 -17.79 3.19 -1.47
CA GLU A 284 -18.71 4.15 -2.09
C GLU A 284 -18.14 5.57 -2.21
N LYS A 285 -17.37 6.00 -1.22
CA LYS A 285 -16.80 7.32 -1.26
C LYS A 285 -15.82 7.48 -2.43
N ALA A 286 -14.95 6.48 -2.64
CA ALA A 286 -14.06 6.49 -3.79
C ALA A 286 -14.83 6.51 -5.10
N LYS A 287 -15.92 5.75 -5.17
CA LYS A 287 -16.75 5.75 -6.38
C LYS A 287 -17.30 7.15 -6.64
N THR A 288 -17.79 7.80 -5.58
CA THR A 288 -18.42 9.13 -5.69
C THR A 288 -17.42 10.22 -6.02
N ILE A 289 -16.32 10.26 -5.26
CA ILE A 289 -15.38 11.37 -5.41
C ILE A 289 -14.46 11.16 -6.61
N LEU A 290 -13.96 9.94 -6.76
CA LEU A 290 -12.92 9.65 -7.72
C LEU A 290 -13.37 8.96 -8.98
N ASN A 291 -14.64 8.56 -9.01
CA ASN A 291 -15.12 7.72 -10.08
CA ASN A 291 -15.16 7.68 -10.05
C ASN A 291 -14.30 6.43 -10.24
N TRP A 292 -13.86 5.90 -9.11
CA TRP A 292 -12.99 4.73 -9.12
C TRP A 292 -13.81 3.47 -8.80
N GLU A 293 -13.50 2.39 -9.52
CA GLU A 293 -13.91 1.07 -9.10
CA GLU A 293 -13.99 1.05 -9.20
C GLU A 293 -12.90 0.05 -9.62
N PRO A 294 -12.82 -1.07 -8.92
CA PRO A 294 -11.83 -2.06 -9.35
C PRO A 294 -12.31 -2.84 -10.55
N LYS A 295 -11.40 -3.22 -11.42
CA LYS A 295 -11.75 -3.91 -12.65
C LYS A 295 -11.39 -5.39 -12.62
N VAL A 296 -10.46 -5.82 -11.78
CA VAL A 296 -9.92 -7.19 -11.85
C VAL A 296 -10.45 -8.04 -10.73
N SER A 297 -11.14 -9.12 -11.11
CA SER A 297 -11.67 -10.10 -10.14
C SER A 297 -10.52 -10.86 -9.48
N LEU A 298 -10.80 -11.42 -8.32
CA LEU A 298 -9.77 -12.23 -7.63
C LEU A 298 -9.29 -13.37 -8.52
N GLU A 299 -10.24 -14.06 -9.15
CA GLU A 299 -9.85 -15.17 -10.00
C GLU A 299 -8.91 -14.77 -11.10
N ASP A 300 -9.20 -13.64 -11.75
CA ASP A 300 -8.38 -13.19 -12.84
C ASP A 300 -7.07 -12.61 -12.34
N GLY A 301 -7.12 -11.94 -11.18
CA GLY A 301 -5.89 -11.44 -10.60
C GLY A 301 -4.91 -12.50 -10.15
N VAL A 302 -5.40 -13.56 -9.55
CA VAL A 302 -4.58 -14.72 -9.22
C VAL A 302 -3.92 -15.28 -10.47
N ILE A 303 -4.66 -15.41 -11.55
CA ILE A 303 -4.06 -15.93 -12.79
C ILE A 303 -2.93 -15.02 -13.31
N LYS A 304 -3.17 -13.71 -13.31
CA LYS A 304 -2.16 -12.76 -13.72
C LYS A 304 -0.94 -12.80 -12.85
N THR A 305 -1.19 -12.90 -11.54
CA THR A 305 -0.10 -12.90 -10.59
C THR A 305 0.74 -14.15 -10.73
N GLU A 306 0.10 -15.30 -10.86
CA GLU A 306 0.81 -16.58 -11.05
C GLU A 306 1.64 -16.55 -12.34
N GLU A 307 1.09 -15.98 -13.40
CA GLU A 307 1.88 -15.85 -14.65
C GLU A 307 3.16 -15.06 -14.40
N TRP A 308 3.05 -13.95 -13.67
CA TRP A 308 4.21 -13.16 -13.37
C TRP A 308 5.22 -13.92 -12.51
N ILE A 309 4.76 -14.51 -11.41
CA ILE A 309 5.68 -15.22 -10.53
C ILE A 309 6.40 -16.35 -11.28
N LYS A 310 5.64 -17.09 -12.10
CA LYS A 310 6.19 -18.20 -12.87
C LYS A 310 7.27 -17.70 -13.81
N SER A 311 7.07 -16.50 -14.35
CA SER A 311 8.02 -15.93 -15.30
C SER A 311 9.39 -15.67 -14.69
N LEU A 312 9.50 -15.57 -13.38
CA LEU A 312 10.78 -15.30 -12.74
C LEU A 312 11.49 -16.57 -12.30
N LYS A 313 10.84 -17.73 -12.41
CA LYS A 313 11.43 -18.97 -11.92
C LYS A 313 12.26 -19.68 -12.99
PA NAD B . 6.85 -2.20 -0.27
O1A NAD B . 7.73 -2.53 0.86
O2A NAD B . 7.04 -2.90 -1.57
O5B NAD B . 6.90 -0.61 -0.61
C5B NAD B . 7.44 0.32 0.32
C4B NAD B . 8.71 0.87 -0.30
O4B NAD B . 9.21 1.86 0.62
C3B NAD B . 9.86 -0.13 -0.51
O3B NAD B . 10.35 -0.09 -1.85
C2B NAD B . 10.85 0.25 0.57
O2B NAD B . 12.19 -0.09 0.21
C1B NAD B . 10.65 1.73 0.74
N9A NAD B . 10.98 2.23 2.06
C8A NAD B . 10.69 1.69 3.27
N7A NAD B . 11.12 2.42 4.30
C5A NAD B . 11.70 3.51 3.72
C6A NAD B . 12.43 4.64 4.23
N6A NAD B . 12.61 4.85 5.55
N1A NAD B . 12.88 5.53 3.32
C2A NAD B . 12.75 5.33 2.00
N3A NAD B . 12.12 4.29 1.41
C4A NAD B . 11.62 3.39 2.28
O3 NAD B . 5.32 -2.39 0.17
PN NAD B . 3.93 -2.14 -0.57
O1N NAD B . 3.09 -3.34 -0.30
O2N NAD B . 4.19 -1.66 -1.94
O5D NAD B . 3.35 -0.94 0.32
C5D NAD B . 3.48 0.41 -0.12
C4D NAD B . 2.65 1.29 0.78
O4D NAD B . 1.25 0.88 0.73
C3D NAD B . 3.03 1.25 2.25
O3D NAD B . 2.88 2.56 2.84
C2D NAD B . 2.00 0.34 2.89
O2D NAD B . 1.82 0.62 4.28
C1D NAD B . 0.76 0.63 2.07
N1N NAD B . -0.25 -0.42 1.96
C2N NAD B . 0.08 -1.66 1.46
C3N NAD B . -0.91 -2.60 1.30
C7N NAD B . -0.59 -3.97 0.84
O7N NAD B . -1.44 -4.87 0.99
N7N NAD B . 0.59 -4.28 0.31
C4N NAD B . -2.27 -2.27 1.57
C5N NAD B . -2.53 -0.98 2.05
C6N NAD B . -1.54 -0.05 2.21
N1 UDP C . -1.70 -15.72 6.15
C2 UDP C . -1.68 -17.14 6.16
N3 UDP C . -0.60 -17.73 5.71
C4 UDP C . 0.48 -17.12 5.19
C5 UDP C . 0.48 -15.73 5.17
C6 UDP C . -0.62 -15.07 5.65
O2 UDP C . -2.68 -17.72 6.65
O4 UDP C . 1.47 -17.76 4.76
C1' UDP C . -2.88 -15.00 6.61
C2' UDP C . -2.62 -13.99 7.70
O2' UDP C . -2.71 -14.65 8.96
C3' UDP C . -3.68 -12.93 7.47
C4' UDP C . -3.90 -12.95 5.96
O4' UDP C . -3.37 -14.21 5.52
O3' UDP C . -4.92 -13.30 8.13
C5' UDP C . -3.19 -11.84 5.19
O5' UDP C . -1.85 -11.81 5.67
PA UDP C . -0.77 -10.83 5.03
O1A UDP C . 0.49 -11.07 5.76
O2A UDP C . -0.85 -10.90 3.53
O3A UDP C . -1.25 -9.34 5.37
PB UDP C . -1.94 -8.62 6.67
O1B UDP C . -1.58 -9.37 7.92
O2B UDP C . -1.48 -7.22 6.31
O3B UDP C . -3.35 -8.64 6.54
C1 EDO D . -13.87 -6.37 -9.59
O1 EDO D . -14.39 -7.56 -10.18
C2 EDO D . -13.30 -6.67 -8.21
O2 EDO D . -14.08 -7.66 -7.49
C1 EDO E . -7.57 -16.19 13.51
O1 EDO E . -7.17 -17.32 12.72
C2 EDO E . -8.96 -16.41 14.11
O2 EDO E . -9.92 -16.54 13.06
C1 EDO F . -12.73 -11.93 -2.58
O1 EDO F . -13.23 -11.54 -3.85
C2 EDO F . -11.59 -11.10 -1.99
O2 EDO F . -11.79 -9.73 -2.15
C1 EDO G . 6.10 18.27 -15.89
O1 EDO G . 5.12 17.44 -16.52
C2 EDO G . 5.86 19.77 -15.87
O2 EDO G . 5.39 20.24 -14.60
CL CL H . -13.74 -20.66 6.05
CL CL I . -1.04 -2.84 4.95
NA NA J . -17.21 -13.05 1.62
#